data_8OGI
#
_entry.id   8OGI
#
_cell.length_a   53.123
_cell.length_b   85.562
_cell.length_c   139.395
_cell.angle_alpha   90
_cell.angle_beta   90
_cell.angle_gamma   90
#
_symmetry.space_group_name_H-M   'P 21 21 21'
#
loop_
_entity.id
_entity.type
_entity.pdbx_description
1 polymer 'Eosinophil peroxidase light chain'
2 polymer 'Eosinophil peroxidase heavy chain'
3 branched 2-acetamido-2-deoxy-beta-D-glucopyranose-(1-4)-2-acetamido-2-deoxy-beta-D-glucopyranose
4 non-polymer 'HEME B/C'
5 non-polymer GLYCEROL
6 non-polymer 1,2-ETHANEDIOL
7 non-polymer 'CITRATE ANION'
8 non-polymer 'CHLORIDE ION'
9 non-polymer 2-acetamido-2-deoxy-beta-D-glucopyranose
10 non-polymer 'ACETATE ION'
11 non-polymer 'CALCIUM ION'
12 water water
#
loop_
_entity_poly.entity_id
_entity_poly.type
_entity_poly.pdbx_seq_one_letter_code
_entity_poly.pdbx_strand_id
1 'polypeptide(L)'
;RCSDKYRTITGRCNNKRRPLLGASNQALARWLPAEYEDGLSLPFGWTPSRRRNGFLLPLVRAVSNQIVRFPNERLTSDRG
RALMFMQWGQFIDHDLDFSPESPA
;
A
2 'polypeptide(L)'
;VDCERTCAQLPPCFPIKIPPNDPRIKNQRDCIPFFRSAPSCPQNKNRVRNQINALTSFVDASMVYGSEVSLSLRLRNRTN
YLGLLAINQRFQDNGRALLPFDNLHDDPCLLTNRSARIPCFLAGDTRSTETPKLAAMHTLFMREHNRLATELRRLNPRWN
GDKLYNEARKIMGAMVQIITYRDFLPLVLGKARARRTLGHYRGYCSNVDPRVANVFTLAFRFGHTMLQPFMFRLDSQYRA
SAPNSHVPLSSAFFASWRIVYEGGIDPILRGLMATPAKLNRQDAMLVDELRDRLFRQVRRIGLDLAALNMQRSRDHGLPG
YNAWRRFCGLSQPRNLAQLSRVLKNQDLARKFLNLYGTPDNIDIWIGAIAEPLLPGARVGPLLACLFENQFRRARDGDRF
WWQKRGVFTKRQRKALSRISLSRIICDNTGITTVSRDIFRANIYPRGFVNCSRIPRLNLSAWRGT
;
B
#
# COMPACT_ATOMS: atom_id res chain seq x y z
N ARG A 1 -25.43 21.04 2.35
CA ARG A 1 -25.17 20.65 3.75
C ARG A 1 -24.43 19.31 3.77
N CYS A 2 -23.28 19.24 4.47
CA CYS A 2 -22.53 17.98 4.59
C CYS A 2 -23.27 17.08 5.61
N SER A 3 -23.28 15.76 5.40
CA SER A 3 -23.94 14.83 6.32
C SER A 3 -23.17 14.70 7.63
N ASP A 4 -23.89 14.41 8.70
CA ASP A 4 -23.31 14.16 10.02
C ASP A 4 -23.39 12.66 10.38
N LYS A 5 -23.91 11.79 9.49
CA LYS A 5 -24.08 10.37 9.78
C LYS A 5 -23.14 9.49 8.96
N TYR A 6 -23.02 9.76 7.64
CA TYR A 6 -22.15 8.93 6.80
C TYR A 6 -21.15 9.71 6.00
N ARG A 7 -20.00 9.07 5.76
CA ARG A 7 -19.02 9.65 4.85
C ARG A 7 -19.59 9.66 3.43
N THR A 8 -19.11 10.58 2.59
CA THR A 8 -19.38 10.50 1.17
C THR A 8 -18.40 9.42 0.64
N ILE A 9 -18.66 8.95 -0.58
CA ILE A 9 -17.76 8.01 -1.22
C ILE A 9 -16.46 8.71 -1.62
N THR A 10 -16.57 9.95 -2.13
CA THR A 10 -15.39 10.64 -2.63
C THR A 10 -14.56 11.31 -1.52
N GLY A 11 -15.04 11.36 -0.29
CA GLY A 11 -14.33 12.08 0.77
C GLY A 11 -14.72 13.54 0.83
N ARG A 12 -15.47 14.05 -0.20
CA ARG A 12 -15.90 15.44 -0.18
C ARG A 12 -16.81 15.65 1.06
N CYS A 13 -16.79 16.85 1.62
CA CYS A 13 -17.65 17.18 2.76
C CYS A 13 -17.19 16.57 4.06
N ASN A 14 -15.98 15.98 4.13
CA ASN A 14 -15.44 15.57 5.42
C ASN A 14 -15.07 16.88 6.16
N ASN A 15 -14.38 17.82 5.47
CA ASN A 15 -14.10 19.13 6.06
C ASN A 15 -15.19 20.06 5.56
N LYS A 16 -16.03 20.59 6.46
CA LYS A 16 -17.18 21.39 6.00
C LYS A 16 -16.79 22.72 5.37
N ARG A 17 -15.73 23.39 5.88
CA ARG A 17 -15.37 24.70 5.31
C ARG A 17 -14.56 24.60 4.04
N ARG A 18 -13.82 23.49 3.85
CA ARG A 18 -13.01 23.25 2.64
C ARG A 18 -13.42 21.84 2.16
N PRO A 19 -14.58 21.71 1.49
CA PRO A 19 -15.13 20.36 1.23
C PRO A 19 -14.30 19.42 0.37
N LEU A 20 -13.38 19.93 -0.45
CA LEU A 20 -12.55 19.01 -1.25
C LEU A 20 -11.31 18.51 -0.48
N LEU A 21 -11.07 18.95 0.78
CA LEU A 21 -9.87 18.51 1.50
C LEU A 21 -9.94 17.04 1.83
N GLY A 22 -9.02 16.26 1.26
CA GLY A 22 -9.03 14.82 1.51
C GLY A 22 -9.89 14.07 0.49
N ALA A 23 -10.67 14.80 -0.35
CA ALA A 23 -11.47 14.17 -1.41
C ALA A 23 -10.57 13.56 -2.50
N SER A 24 -11.10 12.58 -3.20
CA SER A 24 -10.40 11.94 -4.32
C SER A 24 -10.33 12.88 -5.53
N ASN A 25 -9.42 12.56 -6.46
CA ASN A 25 -9.25 13.26 -7.75
C ASN A 25 -8.62 14.62 -7.66
N GLN A 26 -8.02 14.96 -6.50
CA GLN A 26 -7.38 16.27 -6.32
C GLN A 26 -5.86 16.11 -6.32
N ALA A 27 -5.14 17.23 -6.37
CA ALA A 27 -3.67 17.19 -6.31
C ALA A 27 -3.23 16.64 -4.95
N LEU A 28 -2.12 15.88 -4.96
CA LEU A 28 -1.50 15.46 -3.71
C LEU A 28 -1.01 16.68 -2.95
N ALA A 29 -1.09 16.67 -1.62
CA ALA A 29 -0.52 17.79 -0.86
C ALA A 29 1.01 17.81 -1.00
N ARG A 30 1.63 18.98 -0.78
CA ARG A 30 3.08 19.08 -0.75
C ARG A 30 3.48 19.54 0.64
N TRP A 31 4.39 18.80 1.26
CA TRP A 31 4.97 19.20 2.54
C TRP A 31 6.20 20.09 2.38
N LEU A 32 6.82 20.09 1.19
CA LEU A 32 7.90 21.00 0.83
C LEU A 32 7.65 21.42 -0.62
N PRO A 33 8.21 22.56 -1.08
CA PRO A 33 8.02 22.93 -2.49
C PRO A 33 8.61 21.89 -3.45
N ALA A 34 7.95 21.74 -4.62
CA ALA A 34 8.43 20.83 -5.63
C ALA A 34 9.79 21.27 -6.17
N GLU A 35 10.62 20.31 -6.55
CA GLU A 35 11.94 20.54 -7.15
C GLU A 35 12.03 19.83 -8.52
N TYR A 36 12.04 20.63 -9.58
CA TYR A 36 12.12 20.16 -10.96
C TYR A 36 13.36 20.79 -11.60
N GLU A 37 13.91 20.11 -12.60
CA GLU A 37 15.10 20.56 -13.33
C GLU A 37 14.92 21.96 -13.92
N ASP A 38 13.72 22.26 -14.46
CA ASP A 38 13.46 23.59 -15.04
C ASP A 38 12.60 24.49 -14.10
N GLY A 39 12.45 24.09 -12.82
CA GLY A 39 11.63 24.82 -11.86
C GLY A 39 10.14 24.71 -12.06
N LEU A 40 9.67 23.96 -13.08
CA LEU A 40 8.22 23.87 -13.36
C LEU A 40 7.68 22.45 -13.48
N SER A 41 8.33 21.60 -14.28
CA SER A 41 7.76 20.27 -14.54
C SER A 41 8.75 19.19 -14.99
N LEU A 42 9.92 19.55 -15.53
CA LEU A 42 10.86 18.53 -16.00
C LEU A 42 11.55 17.93 -14.82
N PRO A 43 11.54 16.59 -14.69
CA PRO A 43 12.18 15.99 -13.51
C PRO A 43 13.66 16.15 -13.51
N PHE A 44 14.26 16.17 -12.31
CA PHE A 44 15.73 16.01 -12.21
C PHE A 44 16.06 14.60 -12.81
N GLY A 45 17.08 14.54 -13.64
CA GLY A 45 17.44 13.34 -14.40
C GLY A 45 16.96 13.41 -15.84
N TRP A 46 16.13 14.41 -16.21
CA TRP A 46 15.61 14.54 -17.56
C TRP A 46 16.74 14.83 -18.55
N THR A 47 17.64 15.77 -18.20
CA THR A 47 18.76 16.16 -19.06
C THR A 47 20.02 15.61 -18.41
N PRO A 48 20.66 14.57 -19.01
CA PRO A 48 21.86 13.99 -18.35
C PRO A 48 22.92 14.96 -17.85
N SER A 49 23.18 16.05 -18.58
CA SER A 49 24.19 17.05 -18.19
C SER A 49 23.70 18.10 -17.17
N ARG A 50 22.40 18.11 -16.79
CA ARG A 50 21.90 19.10 -15.85
C ARG A 50 22.19 18.61 -14.46
N ARG A 51 23.04 19.35 -13.72
CA ARG A 51 23.43 18.98 -12.37
C ARG A 51 22.40 19.38 -11.35
N ARG A 52 22.38 18.65 -10.23
CA ARG A 52 21.54 18.94 -9.07
C ARG A 52 22.54 19.24 -7.95
N ASN A 53 22.45 20.43 -7.33
CA ASN A 53 23.41 20.84 -6.28
C ASN A 53 24.89 20.65 -6.70
N GLY A 54 25.20 20.94 -7.95
CA GLY A 54 26.56 20.84 -8.48
C GLY A 54 27.05 19.47 -8.89
N PHE A 55 26.23 18.39 -8.75
CA PHE A 55 26.64 17.04 -9.14
C PHE A 55 25.71 16.42 -10.17
N LEU A 56 26.26 15.58 -11.03
CA LEU A 56 25.45 14.83 -12.00
C LEU A 56 24.69 13.74 -11.23
N LEU A 57 23.47 13.42 -11.67
CA LEU A 57 22.68 12.41 -11.00
C LEU A 57 23.00 11.02 -11.53
N PRO A 58 23.02 9.99 -10.66
CA PRO A 58 23.24 8.64 -11.14
C PRO A 58 21.97 8.09 -11.80
N LEU A 59 22.13 7.07 -12.67
CA LEU A 59 21.01 6.34 -13.22
C LEU A 59 20.35 5.59 -12.07
N VAL A 60 19.02 5.66 -11.97
CA VAL A 60 18.34 4.98 -10.85
C VAL A 60 18.59 3.46 -10.89
N ARG A 61 18.71 2.88 -12.10
CA ARG A 61 19.03 1.45 -12.22
C ARG A 61 20.45 1.15 -11.69
N ALA A 62 21.41 2.11 -11.83
CA ALA A 62 22.78 1.89 -11.28
C ALA A 62 22.72 1.92 -9.74
N VAL A 63 21.90 2.82 -9.15
CA VAL A 63 21.75 2.82 -7.68
C VAL A 63 21.15 1.49 -7.23
N SER A 64 20.12 1.01 -7.96
CA SER A 64 19.52 -0.28 -7.63
C SER A 64 20.57 -1.42 -7.70
N ASN A 65 21.35 -1.45 -8.78
CA ASN A 65 22.36 -2.51 -8.95
C ASN A 65 23.42 -2.45 -7.88
N GLN A 66 23.86 -1.23 -7.51
CA GLN A 66 25.01 -1.12 -6.59
C GLN A 66 24.67 -1.15 -5.12
N ILE A 67 23.45 -0.74 -4.74
CA ILE A 67 23.08 -0.71 -3.32
C ILE A 67 21.97 -1.70 -2.97
N VAL A 68 20.95 -1.83 -3.83
CA VAL A 68 19.78 -2.60 -3.47
C VAL A 68 19.96 -4.10 -3.70
N ARG A 69 20.58 -4.44 -4.81
CA ARG A 69 20.79 -5.83 -5.19
C ARG A 69 21.59 -6.60 -4.15
N PHE A 70 21.15 -7.81 -3.81
CA PHE A 70 21.91 -8.64 -2.87
C PHE A 70 21.76 -10.11 -3.23
N PRO A 71 22.70 -10.99 -2.79
CA PRO A 71 22.57 -12.42 -3.08
C PRO A 71 21.75 -13.17 -2.03
N ASN A 72 21.28 -14.37 -2.38
CA ASN A 72 20.42 -15.18 -1.50
C ASN A 72 20.97 -15.45 -0.09
N GLU A 73 22.29 -15.66 0.08
CA GLU A 73 22.84 -15.93 1.42
C GLU A 73 22.55 -14.82 2.43
N ARG A 74 22.30 -13.59 1.97
CA ARG A 74 22.01 -12.49 2.89
C ARG A 74 20.53 -12.29 3.16
N LEU A 75 19.61 -13.05 2.50
CA LEU A 75 18.17 -12.88 2.77
C LEU A 75 17.88 -13.24 4.22
N THR A 76 17.24 -12.34 4.97
CA THR A 76 17.01 -12.57 6.39
C THR A 76 15.55 -12.41 6.71
N SER A 77 14.94 -13.41 7.34
CA SER A 77 13.54 -13.32 7.73
C SER A 77 13.43 -12.52 9.01
N ASP A 78 12.31 -11.82 9.17
CA ASP A 78 12.06 -10.99 10.33
C ASP A 78 11.42 -11.85 11.41
N ARG A 79 12.15 -12.12 12.48
CA ARG A 79 11.64 -12.93 13.59
C ARG A 79 10.45 -12.29 14.33
N GLY A 80 10.24 -10.98 14.15
CA GLY A 80 9.19 -10.26 14.85
C GLY A 80 7.96 -9.85 14.06
N ARG A 81 7.92 -10.13 12.74
CA ARG A 81 6.76 -9.73 11.93
C ARG A 81 6.36 -10.80 10.93
N ALA A 82 5.06 -11.03 10.79
CA ALA A 82 4.54 -11.99 9.83
C ALA A 82 4.41 -11.31 8.46
N LEU A 83 4.28 -12.10 7.38
CA LEU A 83 3.97 -11.48 6.07
C LEU A 83 2.61 -10.76 6.11
N MET A 84 1.71 -11.14 7.05
CA MET A 84 0.42 -10.43 7.19
C MET A 84 0.66 -8.95 7.54
N PHE A 85 1.74 -8.66 8.29
CA PHE A 85 2.10 -7.27 8.66
C PHE A 85 2.40 -6.49 7.37
N MET A 86 3.24 -7.08 6.50
CA MET A 86 3.56 -6.47 5.20
C MET A 86 2.25 -6.28 4.39
N GLN A 87 1.39 -7.30 4.41
CA GLN A 87 0.19 -7.25 3.58
C GLN A 87 -0.81 -6.21 4.04
N TRP A 88 -0.93 -5.99 5.37
CA TRP A 88 -1.78 -4.91 5.86
C TRP A 88 -1.25 -3.57 5.38
N GLY A 89 0.08 -3.42 5.35
CA GLY A 89 0.70 -2.19 4.88
C GLY A 89 0.33 -1.92 3.42
N GLN A 90 0.40 -2.93 2.54
CA GLN A 90 0.01 -2.68 1.13
C GLN A 90 -1.49 -2.33 1.05
N PHE A 91 -2.29 -3.08 1.79
CA PHE A 91 -3.74 -2.91 1.76
C PHE A 91 -4.13 -1.49 2.24
N ILE A 92 -3.51 -0.99 3.35
CA ILE A 92 -3.82 0.36 3.84
C ILE A 92 -3.22 1.44 2.93
N ASP A 93 -2.08 1.15 2.28
CA ASP A 93 -1.54 2.06 1.26
C ASP A 93 -2.63 2.28 0.18
N HIS A 94 -3.37 1.21 -0.16
CA HIS A 94 -4.42 1.30 -1.19
C HIS A 94 -5.72 1.96 -0.68
N ASP A 95 -5.82 2.25 0.62
CA ASP A 95 -6.92 3.08 1.17
C ASP A 95 -6.49 4.57 1.04
N LEU A 96 -5.17 4.86 1.05
CA LEU A 96 -4.67 6.23 1.15
C LEU A 96 -4.30 6.92 -0.16
N ASP A 97 -3.58 6.20 -1.08
CA ASP A 97 -3.12 6.93 -2.26
C ASP A 97 -2.89 6.09 -3.48
N PHE A 98 -3.18 6.71 -4.63
CA PHE A 98 -2.86 6.15 -5.94
C PHE A 98 -2.71 7.29 -6.91
N SER A 99 -1.54 7.44 -7.56
CA SER A 99 -1.38 8.50 -8.57
C SER A 99 -1.53 7.86 -9.94
N PRO A 100 -2.58 8.21 -10.69
CA PRO A 100 -2.72 7.65 -12.03
C PRO A 100 -1.59 8.10 -12.94
N GLU A 101 -1.26 7.23 -13.90
CA GLU A 101 -0.27 7.54 -14.93
C GLU A 101 -0.87 8.34 -16.01
N SER A 102 -0.03 9.10 -16.69
CA SER A 102 -0.43 9.75 -17.93
C SER A 102 -0.72 8.65 -18.98
N PRO A 103 -1.78 8.77 -19.78
CA PRO A 103 -2.03 7.74 -20.82
C PRO A 103 -1.09 7.92 -22.01
N ALA A 104 -0.95 6.86 -22.81
CA ALA A 104 -0.10 6.88 -24.00
C ALA A 104 -0.61 7.94 -24.99
N VAL B 1 2.89 9.01 -26.46
CA VAL B 1 3.34 7.74 -27.06
C VAL B 1 3.23 6.59 -26.04
N ASP B 2 3.30 5.33 -26.52
CA ASP B 2 3.23 4.17 -25.64
C ASP B 2 4.62 3.93 -25.05
N CYS B 3 4.77 4.28 -23.78
CA CYS B 3 6.07 4.11 -23.11
C CYS B 3 6.51 2.68 -22.97
N GLU B 4 5.60 1.70 -23.18
CA GLU B 4 6.02 0.29 -23.17
C GLU B 4 6.71 -0.10 -24.48
N ARG B 5 6.54 0.66 -25.56
CA ARG B 5 6.99 0.29 -26.90
C ARG B 5 8.06 1.20 -27.50
N THR B 6 8.61 2.13 -26.71
CA THR B 6 9.70 2.97 -27.15
C THR B 6 10.54 3.36 -25.94
N CYS B 7 11.86 3.49 -26.14
CA CYS B 7 12.76 3.99 -25.09
C CYS B 7 13.07 5.48 -25.31
N ALA B 8 12.36 6.16 -26.25
CA ALA B 8 12.59 7.58 -26.50
C ALA B 8 12.03 8.40 -25.35
N GLN B 9 12.66 9.54 -25.09
CA GLN B 9 12.21 10.41 -24.03
C GLN B 9 11.20 11.39 -24.66
N LEU B 10 10.04 10.85 -25.02
CA LEU B 10 8.92 11.58 -25.66
C LEU B 10 7.74 11.59 -24.69
N PRO B 11 6.83 12.60 -24.72
CA PRO B 11 5.74 12.58 -23.74
C PRO B 11 4.83 11.36 -23.88
N PRO B 12 4.31 10.79 -22.77
CA PRO B 12 4.49 11.14 -21.36
C PRO B 12 5.57 10.29 -20.68
N CYS B 13 6.57 9.82 -21.43
CA CYS B 13 7.57 8.90 -20.92
C CYS B 13 8.75 9.56 -20.19
N PHE B 14 9.37 8.79 -19.30
CA PHE B 14 10.61 9.22 -18.64
C PHE B 14 11.39 7.90 -18.44
N PRO B 15 11.86 7.28 -19.55
CA PRO B 15 12.41 5.92 -19.46
C PRO B 15 13.59 5.78 -18.52
N ILE B 16 13.68 4.61 -17.90
CA ILE B 16 14.78 4.30 -16.99
C ILE B 16 15.89 3.66 -17.86
N LYS B 17 17.02 4.36 -17.98
CA LYS B 17 18.13 3.88 -18.80
C LYS B 17 18.94 2.80 -18.13
N ILE B 18 19.67 2.03 -18.94
CA ILE B 18 20.42 0.89 -18.43
C ILE B 18 21.91 1.20 -18.31
N PRO B 19 22.53 0.92 -17.17
CA PRO B 19 23.97 1.18 -17.05
C PRO B 19 24.79 0.18 -17.85
N PRO B 20 26.01 0.54 -18.21
CA PRO B 20 26.86 -0.42 -18.97
C PRO B 20 27.23 -1.71 -18.24
N ASN B 21 27.28 -1.70 -16.92
CA ASN B 21 27.65 -2.89 -16.15
C ASN B 21 26.42 -3.59 -15.60
N ASP B 22 25.24 -3.49 -16.28
CA ASP B 22 24.05 -4.11 -15.72
C ASP B 22 24.20 -5.63 -15.60
N PRO B 23 23.83 -6.23 -14.45
CA PRO B 23 23.99 -7.68 -14.32
C PRO B 23 22.91 -8.48 -15.03
N ARG B 24 21.83 -7.84 -15.50
CA ARG B 24 20.72 -8.57 -16.08
C ARG B 24 20.34 -8.11 -17.48
N ILE B 25 20.32 -6.80 -17.71
CA ILE B 25 19.89 -6.24 -18.99
C ILE B 25 21.10 -5.91 -19.81
N LYS B 26 21.44 -6.79 -20.76
CA LYS B 26 22.68 -6.63 -21.51
C LYS B 26 22.51 -5.93 -22.85
N ASN B 27 21.30 -5.44 -23.18
CA ASN B 27 21.08 -4.67 -24.39
C ASN B 27 21.21 -3.23 -23.92
N GLN B 28 22.32 -2.59 -24.31
N GLN B 28 22.33 -2.57 -24.29
CA GLN B 28 22.65 -1.24 -23.83
CA GLN B 28 22.60 -1.21 -23.84
C GLN B 28 21.64 -0.14 -24.28
C GLN B 28 21.51 -0.19 -24.21
N ARG B 29 20.87 -0.36 -25.38
CA ARG B 29 19.82 0.57 -25.85
C ARG B 29 18.42 0.19 -25.36
N ASP B 30 18.28 -0.77 -24.45
CA ASP B 30 16.97 -1.10 -23.90
C ASP B 30 16.65 -0.04 -22.79
N CYS B 31 15.53 -0.22 -22.12
CA CYS B 31 15.17 0.65 -21.00
C CYS B 31 14.13 -0.09 -20.17
N ILE B 32 13.93 0.35 -18.94
CA ILE B 32 12.80 -0.13 -18.15
C ILE B 32 11.71 0.93 -18.42
N PRO B 33 10.55 0.54 -18.99
CA PRO B 33 9.52 1.54 -19.31
C PRO B 33 9.05 2.35 -18.12
N PHE B 34 8.63 3.59 -18.38
CA PHE B 34 8.17 4.44 -17.30
C PHE B 34 7.30 5.56 -17.83
N PHE B 35 6.04 5.59 -17.37
CA PHE B 35 5.12 6.65 -17.72
C PHE B 35 5.12 7.63 -16.57
N ARG B 36 5.23 8.93 -16.86
CA ARG B 36 5.14 9.93 -15.80
C ARG B 36 3.73 9.93 -15.20
N SER B 37 3.63 10.23 -13.88
CA SER B 37 2.32 10.35 -13.24
C SER B 37 1.54 11.52 -13.89
N ALA B 38 0.23 11.35 -14.08
CA ALA B 38 -0.57 12.38 -14.72
C ALA B 38 -0.54 13.70 -13.95
N PRO B 39 -0.46 14.86 -14.62
CA PRO B 39 -0.47 16.11 -13.86
C PRO B 39 -1.87 16.50 -13.37
N SER B 40 -1.95 17.13 -12.19
CA SER B 40 -3.23 17.61 -11.65
C SER B 40 -3.63 18.86 -12.44
N CYS B 41 -4.95 19.12 -12.60
CA CYS B 41 -5.49 20.23 -13.43
C CYS B 41 -4.57 20.62 -14.65
N PRO B 42 -4.46 19.75 -15.69
CA PRO B 42 -3.50 20.06 -16.79
C PRO B 42 -3.73 21.35 -17.60
N GLN B 43 -4.79 22.14 -17.32
CA GLN B 43 -5.07 23.36 -18.08
C GLN B 43 -3.98 24.43 -17.89
N ASN B 44 -3.58 24.71 -16.64
CA ASN B 44 -2.54 25.72 -16.35
C ASN B 44 -1.15 25.13 -16.66
N LYS B 45 -0.42 25.75 -17.62
CA LYS B 45 0.92 25.25 -18.04
C LYS B 45 2.07 25.99 -17.36
N ASN B 46 1.91 27.28 -17.02
CA ASN B 46 2.99 28.02 -16.33
C ASN B 46 3.08 27.70 -14.82
N ARG B 47 2.22 26.79 -14.29
CA ARG B 47 2.23 26.45 -12.88
C ARG B 47 3.19 25.27 -12.62
N VAL B 48 3.60 25.12 -11.38
CA VAL B 48 4.47 24.03 -10.97
C VAL B 48 3.64 22.73 -11.04
N ARG B 49 4.19 21.68 -11.65
CA ARG B 49 3.46 20.43 -11.82
C ARG B 49 3.19 19.72 -10.52
N ASN B 50 1.96 19.24 -10.32
CA ASN B 50 1.59 18.40 -9.20
C ASN B 50 0.96 17.12 -9.74
N GLN B 51 0.94 16.07 -8.92
CA GLN B 51 0.38 14.78 -9.25
C GLN B 51 -0.93 14.58 -8.48
N ILE B 52 -1.75 13.65 -8.96
CA ILE B 52 -3.10 13.47 -8.43
C ILE B 52 -3.12 12.34 -7.45
N ASN B 53 -4.03 12.42 -6.45
CA ASN B 53 -4.34 11.28 -5.61
C ASN B 53 -5.78 10.89 -6.03
N ALA B 54 -5.93 9.73 -6.66
CA ALA B 54 -7.24 9.28 -7.14
C ALA B 54 -8.13 8.74 -6.02
N LEU B 55 -7.58 8.60 -4.77
CA LEU B 55 -8.33 7.98 -3.68
C LEU B 55 -8.64 8.97 -2.57
N THR B 56 -9.53 8.57 -1.65
CA THR B 56 -9.81 9.45 -0.50
C THR B 56 -8.65 9.30 0.47
N SER B 57 -8.15 10.46 0.99
CA SER B 57 -7.05 10.45 1.95
C SER B 57 -7.43 9.87 3.30
N PHE B 58 -8.71 9.78 3.62
CA PHE B 58 -9.15 9.21 4.89
C PHE B 58 -8.96 7.70 4.92
N VAL B 59 -8.79 7.18 6.13
CA VAL B 59 -8.69 5.74 6.32
C VAL B 59 -10.17 5.36 6.48
N ASP B 60 -10.79 5.04 5.35
CA ASP B 60 -12.24 4.81 5.28
C ASP B 60 -12.62 3.56 4.48
N ALA B 61 -11.67 2.60 4.30
CA ALA B 61 -11.90 1.42 3.51
C ALA B 61 -12.29 1.76 2.07
N SER B 62 -11.78 2.88 1.52
CA SER B 62 -12.09 3.21 0.12
C SER B 62 -11.53 2.17 -0.87
N MET B 63 -10.55 1.32 -0.44
CA MET B 63 -10.07 0.25 -1.32
C MET B 63 -11.12 -0.85 -1.47
N VAL B 64 -12.14 -0.91 -0.56
CA VAL B 64 -13.22 -1.89 -0.66
C VAL B 64 -14.38 -1.24 -1.41
N TYR B 65 -14.74 0.02 -1.04
CA TYR B 65 -15.94 0.63 -1.58
C TYR B 65 -15.82 1.46 -2.83
N GLY B 66 -14.59 1.89 -3.14
CA GLY B 66 -14.32 2.78 -4.25
C GLY B 66 -14.25 4.22 -3.77
N SER B 67 -13.57 5.09 -4.54
CA SER B 67 -13.48 6.52 -4.23
C SER B 67 -14.22 7.41 -5.25
N GLU B 68 -15.01 6.79 -6.15
CA GLU B 68 -15.84 7.48 -7.14
C GLU B 68 -17.26 6.89 -6.98
N VAL B 69 -18.28 7.73 -7.13
CA VAL B 69 -19.64 7.26 -6.87
C VAL B 69 -20.07 6.17 -7.83
N SER B 70 -19.86 6.39 -9.13
CA SER B 70 -20.29 5.39 -10.12
C SER B 70 -19.63 4.02 -9.88
N LEU B 71 -18.32 4.01 -9.51
CA LEU B 71 -17.64 2.76 -9.20
C LEU B 71 -18.25 2.14 -7.94
N SER B 72 -18.53 2.96 -6.90
CA SER B 72 -19.07 2.41 -5.65
C SER B 72 -20.42 1.70 -5.90
N LEU B 73 -21.21 2.19 -6.85
CA LEU B 73 -22.49 1.57 -7.20
C LEU B 73 -22.27 0.33 -8.05
N ARG B 74 -21.31 0.39 -8.96
CA ARG B 74 -20.92 -0.78 -9.77
C ARG B 74 -20.49 -1.95 -8.88
N LEU B 75 -19.86 -1.64 -7.72
CA LEU B 75 -19.43 -2.72 -6.80
C LEU B 75 -20.58 -3.27 -5.96
N ARG B 76 -21.76 -2.63 -5.96
CA ARG B 76 -22.87 -3.09 -5.15
C ARG B 76 -23.70 -4.12 -5.89
N ASN B 77 -24.39 -4.97 -5.13
CA ASN B 77 -25.26 -5.99 -5.70
C ASN B 77 -26.59 -5.25 -5.91
N ARG B 78 -26.88 -4.88 -7.16
CA ARG B 78 -28.07 -4.10 -7.50
C ARG B 78 -29.31 -4.97 -7.82
N THR B 79 -29.23 -6.30 -7.62
CA THR B 79 -30.34 -7.22 -7.89
C THR B 79 -31.29 -7.38 -6.68
N ASN B 80 -30.92 -6.86 -5.49
CA ASN B 80 -31.76 -6.96 -4.32
C ASN B 80 -31.49 -5.75 -3.39
N TYR B 81 -32.24 -5.65 -2.29
CA TYR B 81 -32.12 -4.55 -1.33
C TYR B 81 -31.50 -5.01 -0.01
N LEU B 82 -30.50 -5.90 -0.10
CA LEU B 82 -29.80 -6.42 1.07
C LEU B 82 -28.53 -5.62 1.43
N GLY B 83 -28.19 -4.58 0.66
CA GLY B 83 -27.06 -3.70 0.94
C GLY B 83 -25.71 -4.39 0.81
N LEU B 84 -25.63 -5.34 -0.13
CA LEU B 84 -24.44 -6.15 -0.30
C LEU B 84 -23.53 -5.64 -1.39
N LEU B 85 -22.27 -6.09 -1.33
CA LEU B 85 -21.30 -5.92 -2.39
C LEU B 85 -21.48 -7.11 -3.35
N ALA B 86 -21.37 -6.83 -4.65
CA ALA B 86 -21.51 -7.82 -5.72
C ALA B 86 -20.42 -8.88 -5.60
N ILE B 87 -20.79 -10.12 -5.94
CA ILE B 87 -19.89 -11.27 -5.87
C ILE B 87 -19.73 -11.88 -7.27
N ASN B 88 -18.68 -12.69 -7.43
CA ASN B 88 -18.43 -13.37 -8.68
C ASN B 88 -19.58 -14.33 -8.96
N GLN B 89 -20.12 -14.27 -10.17
CA GLN B 89 -21.26 -15.10 -10.57
C GLN B 89 -20.86 -16.41 -11.23
N ARG B 90 -19.58 -16.63 -11.52
CA ARG B 90 -19.10 -17.83 -12.19
C ARG B 90 -18.35 -18.75 -11.25
N PHE B 91 -17.56 -18.18 -10.30
CA PHE B 91 -16.74 -19.00 -9.41
C PHE B 91 -16.98 -18.71 -7.93
N GLN B 92 -16.84 -19.74 -7.11
CA GLN B 92 -16.90 -19.60 -5.66
C GLN B 92 -15.70 -20.36 -5.08
N ASP B 93 -15.34 -20.02 -3.84
CA ASP B 93 -14.22 -20.60 -3.14
C ASP B 93 -14.78 -21.47 -2.02
N ASN B 94 -14.93 -22.78 -2.25
CA ASN B 94 -15.53 -23.69 -1.26
C ASN B 94 -16.86 -23.16 -0.71
N GLY B 95 -17.70 -22.64 -1.60
CA GLY B 95 -19.01 -22.11 -1.26
C GLY B 95 -19.01 -20.68 -0.76
N ARG B 96 -17.83 -20.02 -0.67
CA ARG B 96 -17.74 -18.65 -0.22
C ARG B 96 -17.48 -17.74 -1.40
N ALA B 97 -17.87 -16.48 -1.26
CA ALA B 97 -17.79 -15.53 -2.37
C ALA B 97 -16.39 -15.15 -2.83
N LEU B 98 -16.27 -14.91 -4.13
CA LEU B 98 -15.08 -14.32 -4.73
C LEU B 98 -15.45 -12.97 -5.30
N LEU B 99 -14.42 -12.11 -5.54
CA LEU B 99 -14.69 -10.79 -6.06
C LEU B 99 -15.23 -10.89 -7.50
N PRO B 100 -16.04 -9.91 -7.96
CA PRO B 100 -16.41 -9.92 -9.38
C PRO B 100 -15.17 -9.69 -10.26
N PHE B 101 -15.30 -9.94 -11.58
CA PHE B 101 -14.19 -9.67 -12.48
C PHE B 101 -14.30 -8.27 -13.02
N ASP B 102 -13.17 -7.65 -13.32
CA ASP B 102 -13.13 -6.34 -13.92
C ASP B 102 -13.26 -6.54 -15.45
N ASN B 103 -13.46 -5.47 -16.20
CA ASN B 103 -13.58 -5.54 -17.65
C ASN B 103 -12.59 -4.52 -18.21
N LEU B 104 -11.32 -4.92 -18.25
CA LEU B 104 -10.25 -4.05 -18.69
C LEU B 104 -9.88 -4.31 -20.13
N HIS B 105 -9.44 -3.26 -20.81
CA HIS B 105 -8.84 -3.37 -22.12
C HIS B 105 -7.40 -3.83 -21.79
N ASP B 106 -6.88 -4.86 -22.48
CA ASP B 106 -5.54 -5.40 -22.23
C ASP B 106 -5.36 -5.82 -20.77
N ASP B 107 -6.31 -6.63 -20.27
CA ASP B 107 -6.31 -7.12 -18.89
C ASP B 107 -4.99 -7.88 -18.60
N PRO B 108 -4.16 -7.48 -17.60
CA PRO B 108 -2.89 -8.18 -17.40
C PRO B 108 -3.06 -9.56 -16.77
N CYS B 109 -4.12 -9.79 -15.98
CA CYS B 109 -4.32 -11.09 -15.37
C CYS B 109 -4.52 -12.18 -16.43
N LEU B 110 -5.13 -11.85 -17.58
CA LEU B 110 -5.30 -12.83 -18.63
C LEU B 110 -3.93 -13.31 -19.18
N LEU B 111 -2.90 -12.46 -19.14
CA LEU B 111 -1.58 -12.78 -19.67
C LEU B 111 -0.76 -13.70 -18.79
N THR B 112 -1.12 -13.84 -17.49
CA THR B 112 -0.34 -14.68 -16.57
C THR B 112 -0.55 -16.18 -16.77
N ASN B 113 -1.70 -16.56 -17.28
CA ASN B 113 -1.97 -17.96 -17.65
C ASN B 113 -2.98 -17.89 -18.79
N ARG B 114 -2.45 -17.89 -20.02
CA ARG B 114 -3.27 -17.71 -21.21
C ARG B 114 -4.42 -18.71 -21.33
N SER B 115 -4.19 -19.99 -21.00
CA SER B 115 -5.26 -20.99 -21.11
C SER B 115 -6.33 -20.89 -20.02
N ALA B 116 -5.99 -20.39 -18.80
CA ALA B 116 -6.98 -20.27 -17.72
C ALA B 116 -8.02 -19.18 -17.99
N ARG B 117 -7.64 -18.13 -18.74
CA ARG B 117 -8.53 -17.04 -19.13
C ARG B 117 -9.27 -16.43 -17.94
N ILE B 118 -8.56 -16.15 -16.83
CA ILE B 118 -9.20 -15.56 -15.65
C ILE B 118 -8.79 -14.09 -15.58
N PRO B 119 -9.74 -13.16 -15.78
CA PRO B 119 -9.36 -11.73 -15.74
C PRO B 119 -9.07 -11.25 -14.32
N CYS B 120 -8.69 -9.98 -14.20
CA CYS B 120 -8.44 -9.40 -12.88
C CYS B 120 -9.72 -9.28 -12.11
N PHE B 121 -9.59 -9.21 -10.78
CA PHE B 121 -10.76 -8.97 -9.93
C PHE B 121 -11.09 -7.48 -9.92
N LEU B 122 -12.33 -7.16 -9.55
CA LEU B 122 -12.80 -5.79 -9.45
C LEU B 122 -13.05 -5.48 -7.97
N ALA B 123 -12.41 -4.42 -7.48
CA ALA B 123 -12.61 -3.99 -6.09
C ALA B 123 -12.57 -2.41 -6.08
N GLY B 124 -12.59 -1.76 -4.90
CA GLY B 124 -12.61 -0.31 -4.79
C GLY B 124 -11.38 0.41 -5.28
N ASP B 125 -10.28 -0.33 -5.45
CA ASP B 125 -9.02 0.24 -5.89
C ASP B 125 -8.56 -0.58 -7.11
N THR B 126 -7.93 0.08 -8.07
CA THR B 126 -7.54 -0.57 -9.34
C THR B 126 -6.41 -1.60 -9.21
N ARG B 127 -5.79 -1.77 -8.04
CA ARG B 127 -4.62 -2.68 -7.94
C ARG B 127 -4.94 -3.97 -7.24
N SER B 128 -6.24 -4.35 -7.11
CA SER B 128 -6.64 -5.45 -6.24
C SER B 128 -6.00 -6.80 -6.53
N THR B 129 -5.55 -7.06 -7.76
CA THR B 129 -4.94 -8.36 -8.09
C THR B 129 -3.45 -8.20 -8.35
N GLU B 130 -2.80 -7.13 -7.82
CA GLU B 130 -1.36 -6.96 -8.06
C GLU B 130 -0.60 -8.23 -7.54
N THR B 131 -1.11 -8.86 -6.46
CA THR B 131 -0.70 -10.22 -6.08
C THR B 131 -1.98 -10.94 -5.64
N PRO B 132 -1.96 -12.29 -5.57
CA PRO B 132 -3.13 -12.98 -5.01
C PRO B 132 -3.21 -12.79 -3.48
N LYS B 133 -2.11 -12.37 -2.83
CA LYS B 133 -2.12 -12.05 -1.38
C LYS B 133 -2.97 -10.81 -1.17
N LEU B 134 -2.77 -9.78 -2.00
CA LEU B 134 -3.56 -8.56 -1.90
C LEU B 134 -5.01 -8.86 -2.32
N ALA B 135 -5.22 -9.67 -3.40
CA ALA B 135 -6.59 -10.02 -3.79
C ALA B 135 -7.29 -10.80 -2.69
N ALA B 136 -6.55 -11.63 -1.94
CA ALA B 136 -7.13 -12.37 -0.82
C ALA B 136 -7.64 -11.42 0.26
N MET B 137 -6.90 -10.33 0.53
N MET B 137 -6.88 -10.35 0.55
CA MET B 137 -7.36 -9.34 1.53
CA MET B 137 -7.32 -9.38 1.55
C MET B 137 -8.61 -8.66 1.05
C MET B 137 -8.59 -8.66 1.04
N HIS B 138 -8.62 -8.25 -0.23
CA HIS B 138 -9.80 -7.62 -0.81
C HIS B 138 -11.02 -8.54 -0.75
N THR B 139 -10.79 -9.83 -1.08
CA THR B 139 -11.90 -10.81 -1.06
C THR B 139 -12.41 -10.97 0.37
N LEU B 140 -11.50 -11.05 1.34
CA LEU B 140 -11.89 -11.22 2.74
C LEU B 140 -12.76 -10.06 3.23
N PHE B 141 -12.37 -8.83 2.88
CA PHE B 141 -13.09 -7.66 3.34
C PHE B 141 -14.41 -7.50 2.60
N MET B 142 -14.52 -7.90 1.32
N MET B 142 -14.51 -7.91 1.32
CA MET B 142 -15.81 -7.89 0.64
CA MET B 142 -15.81 -7.92 0.61
C MET B 142 -16.78 -8.87 1.36
C MET B 142 -16.77 -8.88 1.34
N ARG B 143 -16.26 -10.04 1.79
CA ARG B 143 -17.08 -11.00 2.52
C ARG B 143 -17.53 -10.41 3.86
N GLU B 144 -16.61 -9.71 4.58
CA GLU B 144 -16.95 -9.13 5.87
C GLU B 144 -18.05 -8.11 5.72
N HIS B 145 -18.01 -7.28 4.63
CA HIS B 145 -19.10 -6.32 4.40
C HIS B 145 -20.44 -7.06 4.29
N ASN B 146 -20.50 -8.10 3.43
CA ASN B 146 -21.74 -8.85 3.27
C ASN B 146 -22.19 -9.54 4.56
N ARG B 147 -21.26 -10.03 5.37
CA ARG B 147 -21.62 -10.65 6.66
C ARG B 147 -22.24 -9.59 7.57
N LEU B 148 -21.65 -8.38 7.59
CA LEU B 148 -22.19 -7.31 8.43
C LEU B 148 -23.58 -6.90 7.96
N ALA B 149 -23.77 -6.67 6.65
CA ALA B 149 -25.08 -6.28 6.13
C ALA B 149 -26.12 -7.38 6.41
N THR B 150 -25.71 -8.66 6.35
CA THR B 150 -26.61 -9.79 6.63
C THR B 150 -27.03 -9.81 8.10
N GLU B 151 -26.05 -9.62 9.03
CA GLU B 151 -26.38 -9.60 10.45
C GLU B 151 -27.18 -8.35 10.82
N LEU B 152 -26.86 -7.19 10.22
CA LEU B 152 -27.63 -5.97 10.47
C LEU B 152 -29.09 -6.15 10.02
N ARG B 153 -29.34 -6.89 8.92
N ARG B 153 -29.33 -6.90 8.90
CA ARG B 153 -30.71 -7.16 8.47
CA ARG B 153 -30.68 -7.21 8.39
C ARG B 153 -31.46 -8.01 9.50
C ARG B 153 -31.44 -8.04 9.42
N ARG B 154 -30.80 -9.04 10.10
N ARG B 154 -30.79 -9.03 10.04
CA ARG B 154 -31.47 -9.88 11.12
CA ARG B 154 -31.43 -9.86 11.07
C ARG B 154 -31.87 -9.02 12.32
C ARG B 154 -31.85 -9.02 12.29
N LEU B 155 -31.01 -8.07 12.71
CA LEU B 155 -31.31 -7.20 13.85
C LEU B 155 -32.34 -6.12 13.52
N ASN B 156 -32.32 -5.63 12.27
CA ASN B 156 -33.16 -4.54 11.79
C ASN B 156 -33.87 -4.93 10.49
N PRO B 157 -34.93 -5.78 10.57
CA PRO B 157 -35.58 -6.25 9.33
C PRO B 157 -36.27 -5.18 8.48
N ARG B 158 -36.50 -3.95 8.98
CA ARG B 158 -37.11 -2.89 8.18
C ARG B 158 -36.07 -1.93 7.58
N TRP B 159 -34.75 -2.07 7.88
CA TRP B 159 -33.77 -1.18 7.25
C TRP B 159 -33.74 -1.41 5.75
N ASN B 160 -33.72 -0.34 4.95
CA ASN B 160 -33.67 -0.48 3.51
C ASN B 160 -32.22 -0.85 3.04
N GLY B 161 -32.06 -1.17 1.76
CA GLY B 161 -30.77 -1.58 1.20
C GLY B 161 -29.69 -0.54 1.38
N ASP B 162 -30.00 0.73 1.13
CA ASP B 162 -29.02 1.80 1.33
C ASP B 162 -28.57 1.90 2.79
N LYS B 163 -29.50 1.78 3.77
CA LYS B 163 -29.11 1.87 5.18
C LYS B 163 -28.24 0.68 5.54
N LEU B 164 -28.59 -0.52 5.07
CA LEU B 164 -27.76 -1.71 5.35
C LEU B 164 -26.33 -1.52 4.81
N TYR B 165 -26.21 -1.08 3.57
CA TYR B 165 -24.89 -0.83 2.97
C TYR B 165 -24.16 0.29 3.74
N ASN B 166 -24.83 1.43 4.01
CA ASN B 166 -24.18 2.56 4.71
C ASN B 166 -23.70 2.16 6.08
N GLU B 167 -24.51 1.40 6.85
CA GLU B 167 -24.11 1.04 8.20
C GLU B 167 -22.98 0.00 8.19
N ALA B 168 -23.03 -0.96 7.28
CA ALA B 168 -21.96 -1.96 7.17
C ALA B 168 -20.66 -1.26 6.75
N ARG B 169 -20.76 -0.33 5.79
CA ARG B 169 -19.60 0.44 5.33
C ARG B 169 -19.00 1.28 6.48
N LYS B 170 -19.84 1.90 7.29
CA LYS B 170 -19.36 2.69 8.43
C LYS B 170 -18.64 1.80 9.47
N ILE B 171 -19.20 0.62 9.78
CA ILE B 171 -18.52 -0.32 10.70
C ILE B 171 -17.15 -0.75 10.09
N MET B 172 -17.15 -1.09 8.80
N MET B 172 -17.15 -1.08 8.79
CA MET B 172 -15.91 -1.53 8.13
CA MET B 172 -15.96 -1.50 8.06
C MET B 172 -14.81 -0.48 8.15
C MET B 172 -14.84 -0.47 8.17
N GLY B 173 -15.16 0.78 7.91
CA GLY B 173 -14.20 1.88 7.98
C GLY B 173 -13.56 1.99 9.36
N ALA B 174 -14.38 1.83 10.43
CA ALA B 174 -13.88 1.83 11.80
C ALA B 174 -12.93 0.66 12.04
N MET B 175 -13.29 -0.56 11.56
CA MET B 175 -12.44 -1.74 11.75
C MET B 175 -11.08 -1.53 11.08
N VAL B 176 -11.07 -0.94 9.88
CA VAL B 176 -9.81 -0.67 9.19
C VAL B 176 -8.98 0.36 10.00
N GLN B 177 -9.63 1.41 10.53
CA GLN B 177 -8.92 2.37 11.40
C GLN B 177 -8.35 1.69 12.64
N ILE B 178 -9.12 0.80 13.30
CA ILE B 178 -8.65 0.15 14.55
C ILE B 178 -7.47 -0.76 14.26
N ILE B 179 -7.59 -1.62 13.24
CA ILE B 179 -6.48 -2.53 12.89
C ILE B 179 -5.23 -1.71 12.56
N THR B 180 -5.43 -0.60 11.84
CA THR B 180 -4.28 0.22 11.43
C THR B 180 -3.59 0.90 12.63
N TYR B 181 -4.35 1.59 13.47
CA TYR B 181 -3.75 2.40 14.54
C TYR B 181 -3.42 1.61 15.80
N ARG B 182 -4.26 0.64 16.15
CA ARG B 182 -4.02 -0.14 17.36
C ARG B 182 -2.98 -1.22 17.11
N ASP B 183 -3.04 -1.90 15.93
CA ASP B 183 -2.19 -3.07 15.73
C ASP B 183 -0.98 -2.87 14.80
N PHE B 184 -1.21 -2.20 13.67
CA PHE B 184 -0.16 -2.08 12.65
C PHE B 184 0.84 -0.97 12.96
N LEU B 185 0.37 0.27 13.19
CA LEU B 185 1.30 1.39 13.37
C LEU B 185 2.25 1.20 14.54
N PRO B 186 1.82 0.68 15.71
CA PRO B 186 2.80 0.47 16.80
C PRO B 186 3.93 -0.49 16.40
N LEU B 187 3.66 -1.44 15.48
CA LEU B 187 4.69 -2.38 15.03
C LEU B 187 5.55 -1.80 13.89
N VAL B 188 5.08 -0.73 13.20
CA VAL B 188 5.91 -0.05 12.21
C VAL B 188 6.86 0.87 13.00
N LEU B 189 6.32 1.64 13.95
CA LEU B 189 7.08 2.68 14.62
C LEU B 189 7.78 2.30 15.90
N GLY B 190 7.33 1.24 16.55
CA GLY B 190 7.76 0.91 17.91
C GLY B 190 6.64 1.38 18.82
N LYS B 191 6.23 0.56 19.80
CA LYS B 191 5.04 0.87 20.62
C LYS B 191 5.16 2.18 21.41
N ALA B 192 6.25 2.36 22.15
CA ALA B 192 6.43 3.60 22.94
C ALA B 192 6.53 4.80 22.00
N ARG B 193 7.24 4.63 20.87
CA ARG B 193 7.41 5.71 19.90
C ARG B 193 6.07 6.13 19.31
N ALA B 194 5.20 5.16 18.99
CA ALA B 194 3.88 5.48 18.42
C ALA B 194 3.04 6.25 19.45
N ARG B 195 3.08 5.82 20.72
CA ARG B 195 2.35 6.55 21.77
C ARG B 195 2.84 7.98 21.93
N ARG B 196 4.14 8.17 21.91
CA ARG B 196 4.75 9.48 22.12
C ARG B 196 4.54 10.45 20.95
N THR B 197 4.58 9.94 19.71
CA THR B 197 4.51 10.79 18.53
C THR B 197 3.12 10.95 17.97
N LEU B 198 2.28 9.93 18.06
CA LEU B 198 0.89 10.05 17.62
C LEU B 198 0.03 10.57 18.75
N GLY B 199 0.30 10.12 19.97
CA GLY B 199 -0.43 10.56 21.14
C GLY B 199 -1.82 9.93 21.18
N HIS B 200 -2.56 10.23 22.24
CA HIS B 200 -3.92 9.75 22.37
C HIS B 200 -4.82 10.64 21.51
N TYR B 201 -5.96 10.10 21.05
CA TYR B 201 -6.89 10.91 20.27
C TYR B 201 -7.50 11.99 21.17
N ARG B 202 -7.36 13.28 20.77
CA ARG B 202 -7.92 14.42 21.53
C ARG B 202 -9.17 15.04 20.90
N GLY B 203 -9.66 14.49 19.79
CA GLY B 203 -10.80 15.02 19.10
C GLY B 203 -10.47 15.50 17.70
N TYR B 204 -11.51 15.92 17.00
CA TYR B 204 -11.38 16.37 15.62
C TYR B 204 -10.92 17.80 15.57
N CYS B 205 -9.97 18.13 14.66
N CYS B 205 -10.02 18.11 14.62
CA CYS B 205 -9.52 19.49 14.43
CA CYS B 205 -9.48 19.43 14.40
C CYS B 205 -9.83 19.85 12.97
C CYS B 205 -9.84 19.82 12.96
N SER B 206 -10.80 20.75 12.76
CA SER B 206 -11.17 21.16 11.41
C SER B 206 -10.08 22.01 10.71
N ASN B 207 -9.00 22.41 11.43
CA ASN B 207 -7.92 23.16 10.80
C ASN B 207 -6.75 22.23 10.38
N VAL B 208 -6.87 20.90 10.59
CA VAL B 208 -5.83 19.97 10.16
C VAL B 208 -6.09 19.67 8.70
N ASP B 209 -5.02 19.65 7.90
CA ASP B 209 -5.12 19.26 6.49
C ASP B 209 -4.93 17.70 6.42
N PRO B 210 -6.00 16.92 6.14
CA PRO B 210 -5.86 15.45 6.16
C PRO B 210 -5.32 14.85 4.86
N ARG B 211 -5.00 15.68 3.86
CA ARG B 211 -4.57 15.13 2.58
C ARG B 211 -3.29 14.31 2.70
N VAL B 212 -3.20 13.29 1.87
CA VAL B 212 -1.97 12.52 1.76
C VAL B 212 -0.96 13.39 1.01
N ALA B 213 0.25 13.48 1.53
CA ALA B 213 1.30 14.27 0.90
C ALA B 213 2.00 13.44 -0.18
N ASN B 214 2.52 14.16 -1.18
CA ASN B 214 3.26 13.56 -2.29
C ASN B 214 4.43 12.67 -1.75
N VAL B 215 5.20 13.24 -0.80
CA VAL B 215 6.33 12.44 -0.28
C VAL B 215 5.88 11.15 0.41
N PHE B 216 4.71 11.16 1.10
CA PHE B 216 4.25 9.95 1.78
C PHE B 216 4.02 8.80 0.75
N THR B 217 3.56 9.16 -0.46
CA THR B 217 3.30 8.13 -1.50
C THR B 217 4.60 7.40 -1.92
N LEU B 218 5.76 8.03 -1.70
CA LEU B 218 7.06 7.42 -1.96
C LEU B 218 7.58 6.77 -0.68
N ALA B 219 7.50 7.47 0.47
CA ALA B 219 8.07 6.94 1.72
C ALA B 219 7.36 5.68 2.17
N PHE B 220 6.02 5.62 2.01
CA PHE B 220 5.29 4.44 2.48
C PHE B 220 5.54 3.20 1.60
N ARG B 221 6.30 3.35 0.50
CA ARG B 221 6.79 2.20 -0.25
C ARG B 221 7.92 1.48 0.53
N PHE B 222 8.25 1.91 1.80
CA PHE B 222 9.21 1.16 2.62
C PHE B 222 8.80 -0.35 2.70
N GLY B 223 7.50 -0.62 2.54
CA GLY B 223 6.98 -1.98 2.55
C GLY B 223 7.61 -2.92 1.55
N HIS B 224 8.16 -2.36 0.46
CA HIS B 224 8.75 -3.22 -0.57
C HIS B 224 9.91 -4.06 -0.02
N THR B 225 10.60 -3.53 1.02
CA THR B 225 11.71 -4.27 1.64
C THR B 225 11.27 -5.45 2.51
N MET B 226 9.97 -5.61 2.79
N MET B 226 9.96 -5.61 2.77
CA MET B 226 9.47 -6.69 3.62
CA MET B 226 9.44 -6.68 3.61
C MET B 226 8.98 -7.90 2.82
C MET B 226 9.02 -7.92 2.81
N LEU B 227 9.01 -7.86 1.48
CA LEU B 227 8.55 -9.01 0.69
C LEU B 227 9.57 -10.12 0.67
N GLN B 228 9.09 -11.35 0.89
CA GLN B 228 9.90 -12.54 0.70
C GLN B 228 9.86 -12.83 -0.83
N PRO B 229 10.73 -13.71 -1.37
CA PRO B 229 10.68 -13.98 -2.82
C PRO B 229 9.44 -14.75 -3.28
N PHE B 230 8.70 -15.37 -2.37
CA PHE B 230 7.58 -16.23 -2.72
C PHE B 230 6.25 -15.79 -2.13
N MET B 231 5.16 -16.24 -2.76
CA MET B 231 3.84 -16.22 -2.15
C MET B 231 3.81 -17.61 -1.49
N PHE B 232 3.49 -17.67 -0.20
CA PHE B 232 3.45 -18.92 0.55
C PHE B 232 2.02 -19.40 0.71
N ARG B 233 1.78 -20.69 0.42
CA ARG B 233 0.46 -21.27 0.56
C ARG B 233 0.58 -22.50 1.44
N LEU B 234 -0.31 -22.61 2.43
CA LEU B 234 -0.25 -23.68 3.41
C LEU B 234 -1.58 -24.39 3.51
N ASP B 235 -1.55 -25.70 3.80
CA ASP B 235 -2.78 -26.49 3.91
C ASP B 235 -3.48 -26.26 5.26
N SER B 236 -4.60 -26.95 5.52
CA SER B 236 -5.35 -26.77 6.78
C SER B 236 -4.56 -27.07 8.06
N GLN B 237 -3.46 -27.85 7.97
CA GLN B 237 -2.61 -28.13 9.12
C GLN B 237 -1.36 -27.19 9.13
N TYR B 238 -1.41 -26.07 8.37
CA TYR B 238 -0.33 -25.10 8.22
C TYR B 238 0.98 -25.71 7.69
N ARG B 239 0.88 -26.68 6.78
CA ARG B 239 2.08 -27.30 6.19
C ARG B 239 2.17 -26.94 4.72
N ALA B 240 3.40 -26.76 4.20
CA ALA B 240 3.64 -26.47 2.78
C ALA B 240 3.63 -27.83 2.03
N SER B 241 2.53 -28.57 2.14
CA SER B 241 2.39 -29.92 1.57
C SER B 241 2.05 -29.95 0.08
N ALA B 242 1.36 -28.92 -0.46
CA ALA B 242 1.02 -28.90 -1.88
C ALA B 242 2.30 -28.71 -2.72
N PRO B 243 2.41 -29.28 -3.95
CA PRO B 243 3.69 -29.17 -4.70
C PRO B 243 4.10 -27.77 -5.18
N ASN B 244 3.21 -26.80 -5.09
CA ASN B 244 3.43 -25.42 -5.52
C ASN B 244 3.19 -24.48 -4.32
N SER B 245 3.61 -24.89 -3.11
CA SER B 245 3.39 -24.08 -1.91
C SER B 245 4.23 -22.80 -1.88
N HIS B 246 5.36 -22.75 -2.59
CA HIS B 246 6.22 -21.56 -2.65
C HIS B 246 6.19 -21.09 -4.08
N VAL B 247 5.37 -20.08 -4.39
CA VAL B 247 5.26 -19.60 -5.76
C VAL B 247 6.18 -18.39 -5.88
N PRO B 248 7.18 -18.31 -6.79
CA PRO B 248 7.95 -17.05 -6.89
C PRO B 248 7.00 -15.90 -7.19
N LEU B 249 7.26 -14.71 -6.62
CA LEU B 249 6.32 -13.60 -6.84
C LEU B 249 6.18 -13.25 -8.29
N SER B 250 7.28 -13.43 -9.11
CA SER B 250 7.21 -13.12 -10.53
C SER B 250 6.33 -14.05 -11.35
N SER B 251 5.82 -15.14 -10.76
N SER B 251 5.78 -15.14 -10.79
CA SER B 251 4.83 -16.03 -11.35
CA SER B 251 4.76 -15.92 -11.48
C SER B 251 3.44 -15.87 -10.61
C SER B 251 3.38 -15.76 -10.75
N ALA B 252 3.29 -14.86 -9.74
CA ALA B 252 2.06 -14.61 -8.97
C ALA B 252 1.49 -13.23 -9.21
N PHE B 253 2.25 -12.25 -9.77
CA PHE B 253 1.66 -10.91 -9.99
C PHE B 253 0.47 -11.04 -10.94
N PHE B 254 -0.67 -10.42 -10.59
CA PHE B 254 -1.87 -10.42 -11.43
C PHE B 254 -2.42 -11.82 -11.67
N ALA B 255 -2.04 -12.82 -10.86
CA ALA B 255 -2.47 -14.18 -11.15
C ALA B 255 -3.77 -14.56 -10.44
N SER B 256 -4.86 -13.91 -10.84
CA SER B 256 -6.19 -14.23 -10.30
C SER B 256 -6.55 -15.70 -10.53
N TRP B 257 -6.02 -16.30 -11.63
CA TRP B 257 -6.29 -17.72 -11.90
C TRP B 257 -5.83 -18.61 -10.75
N ARG B 258 -4.82 -18.19 -9.96
CA ARG B 258 -4.34 -19.01 -8.83
C ARG B 258 -5.38 -19.07 -7.71
N ILE B 259 -6.16 -18.00 -7.51
CA ILE B 259 -7.22 -18.05 -6.50
C ILE B 259 -8.36 -18.94 -7.02
N VAL B 260 -8.71 -18.80 -8.29
CA VAL B 260 -9.84 -19.54 -8.86
C VAL B 260 -9.54 -21.05 -8.96
N TYR B 261 -8.35 -21.40 -9.45
CA TYR B 261 -8.02 -22.81 -9.71
C TYR B 261 -7.00 -23.46 -8.77
N GLU B 262 -6.35 -22.71 -7.86
CA GLU B 262 -5.38 -23.32 -6.97
C GLU B 262 -5.74 -23.16 -5.50
N GLY B 263 -7.02 -23.31 -5.17
CA GLY B 263 -7.47 -23.44 -3.79
C GLY B 263 -8.09 -22.28 -3.05
N GLY B 264 -8.44 -21.22 -3.75
CA GLY B 264 -9.11 -20.08 -3.11
C GLY B 264 -8.19 -19.25 -2.23
N ILE B 265 -8.78 -18.52 -1.29
CA ILE B 265 -7.97 -17.61 -0.46
C ILE B 265 -7.46 -18.20 0.86
N ASP B 266 -8.00 -19.35 1.37
CA ASP B 266 -7.53 -19.84 2.68
C ASP B 266 -6.03 -20.22 2.69
N PRO B 267 -5.48 -20.90 1.67
CA PRO B 267 -4.05 -21.23 1.71
C PRO B 267 -3.15 -19.99 1.72
N ILE B 268 -3.61 -18.92 1.06
CA ILE B 268 -2.90 -17.63 0.98
C ILE B 268 -2.96 -16.93 2.33
N LEU B 269 -4.15 -16.89 2.98
CA LEU B 269 -4.26 -16.26 4.29
C LEU B 269 -3.43 -17.01 5.32
N ARG B 270 -3.43 -18.36 5.26
CA ARG B 270 -2.62 -19.13 6.18
C ARG B 270 -1.12 -18.86 5.95
N GLY B 271 -0.69 -18.77 4.69
CA GLY B 271 0.69 -18.43 4.36
C GLY B 271 1.12 -17.09 4.94
N LEU B 272 0.22 -16.10 4.87
CA LEU B 272 0.51 -14.76 5.41
C LEU B 272 0.63 -14.76 6.94
N MET B 273 -0.20 -15.55 7.63
CA MET B 273 -0.13 -15.59 9.09
C MET B 273 1.09 -16.34 9.62
N ALA B 274 1.42 -17.48 8.97
CA ALA B 274 2.44 -18.38 9.48
C ALA B 274 3.84 -18.24 8.88
N THR B 275 4.07 -17.27 7.98
CA THR B 275 5.40 -17.11 7.38
C THR B 275 5.96 -15.76 7.83
N PRO B 276 7.21 -15.68 8.29
CA PRO B 276 7.76 -14.38 8.68
C PRO B 276 7.95 -13.48 7.46
N ALA B 277 7.82 -12.17 7.68
CA ALA B 277 8.14 -11.19 6.64
C ALA B 277 9.67 -11.25 6.38
N LYS B 278 10.14 -10.62 5.30
CA LYS B 278 11.56 -10.44 5.10
C LYS B 278 11.90 -9.20 5.96
N LEU B 279 13.10 -9.20 6.58
CA LEU B 279 13.56 -8.05 7.33
C LEU B 279 14.31 -7.14 6.38
N ASN B 280 14.11 -5.82 6.52
CA ASN B 280 14.88 -4.86 5.75
C ASN B 280 16.26 -4.79 6.42
N ARG B 281 17.30 -5.10 5.65
CA ARG B 281 18.70 -4.98 6.10
C ARG B 281 19.43 -4.10 5.09
N GLN B 282 20.45 -3.34 5.55
CA GLN B 282 21.17 -2.45 4.63
C GLN B 282 21.90 -3.20 3.52
N ASP B 283 22.32 -4.43 3.81
CA ASP B 283 22.99 -5.26 2.80
C ASP B 283 22.01 -6.31 2.22
N ALA B 284 20.68 -6.16 2.43
CA ALA B 284 19.69 -7.07 1.81
C ALA B 284 18.35 -6.33 1.77
N MET B 285 18.26 -5.31 0.92
CA MET B 285 17.08 -4.42 0.90
C MET B 285 15.88 -4.98 0.16
N LEU B 286 16.03 -5.37 -1.11
CA LEU B 286 14.88 -5.75 -1.92
C LEU B 286 15.15 -6.99 -2.72
N VAL B 287 14.26 -7.97 -2.60
CA VAL B 287 14.44 -9.23 -3.34
C VAL B 287 14.46 -8.99 -4.84
N ASP B 288 15.20 -9.86 -5.55
CA ASP B 288 15.25 -9.76 -7.02
C ASP B 288 13.92 -10.09 -7.68
N GLU B 289 12.98 -10.77 -6.99
CA GLU B 289 11.65 -10.99 -7.60
C GLU B 289 10.97 -9.62 -7.89
N LEU B 290 11.31 -8.57 -7.10
CA LEU B 290 10.83 -7.21 -7.31
C LEU B 290 11.85 -6.33 -7.97
N ARG B 291 13.16 -6.52 -7.67
CA ARG B 291 14.20 -5.65 -8.25
C ARG B 291 14.55 -5.99 -9.68
N ASP B 292 14.25 -7.21 -10.15
N ASP B 292 14.27 -7.21 -10.11
CA ASP B 292 14.61 -7.61 -11.51
CA ASP B 292 14.71 -7.68 -11.39
C ASP B 292 13.51 -8.27 -12.31
C ASP B 292 13.70 -8.47 -12.20
N ARG B 293 12.54 -8.92 -11.64
N ARG B 293 12.55 -8.86 -11.62
CA ARG B 293 11.52 -9.69 -12.33
CA ARG B 293 11.55 -9.66 -12.33
C ARG B 293 10.11 -9.14 -12.10
C ARG B 293 10.14 -9.11 -12.16
N LEU B 294 9.98 -7.87 -11.73
CA LEU B 294 8.67 -7.30 -11.45
C LEU B 294 7.79 -7.32 -12.71
N PHE B 295 6.64 -7.99 -12.61
CA PHE B 295 5.64 -8.02 -13.71
C PHE B 295 6.19 -8.62 -15.02
N ARG B 296 7.24 -9.44 -14.93
CA ARG B 296 7.82 -10.02 -16.17
C ARG B 296 6.81 -10.79 -17.02
N GLN B 297 5.79 -11.44 -16.41
CA GLN B 297 4.80 -12.20 -17.22
C GLN B 297 3.83 -11.32 -17.97
N VAL B 298 3.71 -10.03 -17.60
CA VAL B 298 2.74 -9.14 -18.25
C VAL B 298 3.33 -7.91 -18.90
N ARG B 299 4.66 -7.79 -18.95
N ARG B 299 4.67 -7.80 -18.95
CA ARG B 299 5.34 -6.67 -19.60
CA ARG B 299 5.41 -6.70 -19.55
C ARG B 299 6.45 -7.24 -20.49
C ARG B 299 6.44 -7.27 -20.52
N ARG B 300 6.94 -6.42 -21.42
CA ARG B 300 7.97 -6.82 -22.35
C ARG B 300 9.36 -7.07 -21.72
N ILE B 301 9.53 -6.63 -20.46
CA ILE B 301 10.77 -6.77 -19.75
C ILE B 301 10.46 -6.84 -18.26
N GLY B 302 11.24 -7.60 -17.49
CA GLY B 302 11.06 -7.59 -16.03
C GLY B 302 11.48 -6.22 -15.52
N LEU B 303 10.60 -5.59 -14.75
CA LEU B 303 10.86 -4.24 -14.22
C LEU B 303 11.70 -4.35 -12.94
N ASP B 304 12.07 -3.18 -12.38
CA ASP B 304 12.86 -3.09 -11.17
C ASP B 304 12.11 -2.11 -10.29
N LEU B 305 11.50 -2.59 -9.22
CA LEU B 305 10.69 -1.74 -8.35
C LEU B 305 11.51 -0.65 -7.66
N ALA B 306 12.77 -0.96 -7.28
CA ALA B 306 13.62 0.06 -6.65
C ALA B 306 13.91 1.19 -7.66
N ALA B 307 14.20 0.82 -8.93
CA ALA B 307 14.46 1.82 -9.96
C ALA B 307 13.17 2.63 -10.20
N LEU B 308 11.99 1.97 -10.26
CA LEU B 308 10.74 2.70 -10.44
C LEU B 308 10.52 3.69 -9.29
N ASN B 309 10.78 3.27 -8.03
CA ASN B 309 10.56 4.15 -6.88
C ASN B 309 11.46 5.37 -6.92
N MET B 310 12.72 5.18 -7.36
CA MET B 310 13.65 6.32 -7.43
C MET B 310 13.33 7.22 -8.61
N GLN B 311 12.95 6.64 -9.75
CA GLN B 311 12.55 7.48 -10.90
C GLN B 311 11.26 8.23 -10.55
N ARG B 312 10.39 7.62 -9.74
CA ARG B 312 9.11 8.23 -9.42
C ARG B 312 9.24 9.45 -8.53
N SER B 313 10.20 9.46 -7.58
CA SER B 313 10.37 10.68 -6.78
C SER B 313 10.92 11.82 -7.69
N ARG B 314 11.75 11.46 -8.72
CA ARG B 314 12.24 12.49 -9.66
C ARG B 314 11.05 13.03 -10.45
N ASP B 315 10.24 12.10 -10.99
CA ASP B 315 9.00 12.43 -11.72
C ASP B 315 8.11 13.38 -10.89
N HIS B 316 7.93 13.06 -9.61
CA HIS B 316 7.06 13.84 -8.72
C HIS B 316 7.69 15.11 -8.15
N GLY B 317 8.88 15.48 -8.64
CA GLY B 317 9.54 16.70 -8.18
C GLY B 317 9.80 16.74 -6.70
N LEU B 318 10.17 15.58 -6.12
CA LEU B 318 10.38 15.61 -4.68
C LEU B 318 11.78 16.11 -4.35
N PRO B 319 11.90 16.93 -3.30
CA PRO B 319 13.24 17.24 -2.74
C PRO B 319 13.99 15.95 -2.35
N GLY B 320 15.31 16.07 -2.26
CA GLY B 320 16.18 14.93 -1.93
C GLY B 320 16.19 14.59 -0.45
N TYR B 321 17.04 13.61 -0.13
CA TYR B 321 17.14 13.05 1.22
C TYR B 321 17.39 14.12 2.29
N ASN B 322 18.40 15.00 2.12
CA ASN B 322 18.70 15.97 3.18
C ASN B 322 17.59 17.01 3.39
N ALA B 323 16.85 17.34 2.33
CA ALA B 323 15.73 18.28 2.50
C ALA B 323 14.65 17.63 3.39
N TRP B 324 14.43 16.29 3.22
CA TRP B 324 13.46 15.59 4.06
C TRP B 324 13.99 15.38 5.47
N ARG B 325 15.32 15.14 5.63
CA ARG B 325 15.90 15.09 6.99
C ARG B 325 15.62 16.43 7.70
N ARG B 326 15.90 17.54 7.02
CA ARG B 326 15.70 18.88 7.59
C ARG B 326 14.24 19.11 7.97
N PHE B 327 13.29 18.70 7.08
CA PHE B 327 11.86 18.81 7.36
C PHE B 327 11.48 18.10 8.65
N CYS B 328 12.17 16.97 8.93
CA CYS B 328 11.93 16.17 10.12
C CYS B 328 12.75 16.58 11.35
N GLY B 329 13.52 17.66 11.26
CA GLY B 329 14.35 18.13 12.37
C GLY B 329 15.53 17.20 12.62
N LEU B 330 15.97 16.44 11.57
CA LEU B 330 17.09 15.52 11.65
C LEU B 330 18.30 16.17 11.00
N SER B 331 19.50 15.65 11.33
CA SER B 331 20.73 16.23 10.77
C SER B 331 20.82 16.06 9.26
N GLN B 332 21.54 16.98 8.61
CA GLN B 332 21.75 16.94 7.15
C GLN B 332 23.20 16.55 6.87
N PRO B 333 23.54 15.25 6.77
CA PRO B 333 24.96 14.88 6.57
C PRO B 333 25.50 15.45 5.27
N ARG B 334 26.69 16.06 5.34
CA ARG B 334 27.27 16.73 4.17
C ARG B 334 28.42 15.98 3.54
N ASN B 335 29.00 15.01 4.23
CA ASN B 335 30.18 14.33 3.71
C ASN B 335 30.19 12.86 4.14
N LEU B 336 31.26 12.12 3.81
CA LEU B 336 31.33 10.70 4.14
C LEU B 336 31.28 10.42 5.62
N ALA B 337 32.08 11.14 6.42
CA ALA B 337 32.08 10.90 7.86
C ALA B 337 30.69 11.08 8.47
N GLN B 338 29.97 12.13 8.07
CA GLN B 338 28.63 12.39 8.64
C GLN B 338 27.60 11.39 8.14
N LEU B 339 27.64 11.07 6.85
CA LEU B 339 26.69 10.09 6.29
C LEU B 339 26.94 8.69 6.90
N SER B 340 28.21 8.34 7.17
N SER B 340 28.22 8.36 7.17
CA SER B 340 28.53 7.07 7.81
CA SER B 340 28.55 7.10 7.80
C SER B 340 27.92 6.98 9.20
C SER B 340 27.91 6.99 9.19
N ARG B 341 27.89 8.09 9.97
CA ARG B 341 27.27 8.05 11.31
C ARG B 341 25.76 7.97 11.18
N VAL B 342 25.17 8.72 10.22
CA VAL B 342 23.70 8.71 10.07
C VAL B 342 23.22 7.30 9.67
N LEU B 343 23.95 6.65 8.74
CA LEU B 343 23.53 5.32 8.29
C LEU B 343 24.10 4.20 9.18
N LYS B 344 24.99 4.53 10.17
CA LYS B 344 25.67 3.53 11.00
C LYS B 344 26.35 2.47 10.09
N ASN B 345 26.91 2.95 8.98
CA ASN B 345 27.45 2.06 7.94
C ASN B 345 28.35 2.84 6.99
N GLN B 346 29.66 2.72 7.18
CA GLN B 346 30.62 3.44 6.34
C GLN B 346 30.59 2.94 4.88
N ASP B 347 30.58 1.62 4.65
N ASP B 347 30.55 1.62 4.66
CA ASP B 347 30.60 1.09 3.28
CA ASP B 347 30.59 1.09 3.29
C ASP B 347 29.36 1.53 2.50
C ASP B 347 29.36 1.54 2.51
N LEU B 348 28.19 1.54 3.15
CA LEU B 348 26.95 1.99 2.47
C LEU B 348 27.02 3.50 2.19
N ALA B 349 27.54 4.29 3.15
CA ALA B 349 27.69 5.73 2.92
C ALA B 349 28.63 5.99 1.74
N ARG B 350 29.75 5.23 1.66
CA ARG B 350 30.70 5.38 0.55
C ARG B 350 30.00 5.07 -0.77
N LYS B 351 29.18 4.01 -0.82
CA LYS B 351 28.48 3.68 -2.08
C LYS B 351 27.52 4.79 -2.48
N PHE B 352 26.78 5.35 -1.49
CA PHE B 352 25.88 6.47 -1.81
C PHE B 352 26.65 7.66 -2.36
N LEU B 353 27.80 8.00 -1.76
CA LEU B 353 28.54 9.16 -2.23
C LEU B 353 29.24 8.92 -3.56
N ASN B 354 29.63 7.70 -3.84
CA ASN B 354 30.19 7.35 -5.17
C ASN B 354 29.13 7.57 -6.25
N LEU B 355 27.86 7.26 -5.96
CA LEU B 355 26.78 7.42 -6.93
C LEU B 355 26.24 8.84 -7.02
N TYR B 356 26.04 9.49 -5.85
CA TYR B 356 25.37 10.78 -5.77
C TYR B 356 26.25 12.00 -5.55
N GLY B 357 27.47 11.81 -5.05
CA GLY B 357 28.37 12.94 -4.80
C GLY B 357 28.07 13.67 -3.51
N THR B 358 26.78 13.97 -3.26
CA THR B 358 26.34 14.70 -2.06
C THR B 358 25.08 14.00 -1.53
N PRO B 359 24.90 13.87 -0.20
CA PRO B 359 23.63 13.32 0.29
C PRO B 359 22.41 14.20 -0.04
N ASP B 360 22.62 15.46 -0.46
CA ASP B 360 21.50 16.30 -0.89
C ASP B 360 20.73 15.70 -2.06
N ASN B 361 21.42 14.94 -2.91
CA ASN B 361 20.82 14.37 -4.12
C ASN B 361 20.29 13.00 -3.98
N ILE B 362 20.42 12.35 -2.82
CA ILE B 362 19.93 10.98 -2.68
C ILE B 362 18.39 10.98 -2.83
N ASP B 363 17.86 10.10 -3.71
CA ASP B 363 16.42 10.05 -3.94
C ASP B 363 15.73 9.58 -2.66
N ILE B 364 14.59 10.16 -2.33
CA ILE B 364 13.99 9.91 -1.01
C ILE B 364 13.76 8.44 -0.67
N TRP B 365 13.19 7.60 -1.57
CA TRP B 365 12.88 6.22 -1.14
C TRP B 365 14.18 5.48 -0.73
N ILE B 366 15.22 5.59 -1.56
CA ILE B 366 16.44 4.80 -1.26
C ILE B 366 17.15 5.32 0.00
N GLY B 367 17.24 6.64 0.19
CA GLY B 367 17.85 7.17 1.41
C GLY B 367 17.04 6.76 2.63
N ALA B 368 15.70 6.87 2.52
CA ALA B 368 14.85 6.55 3.68
C ALA B 368 14.87 5.07 4.07
N ILE B 369 14.79 4.14 3.08
CA ILE B 369 14.84 2.71 3.45
C ILE B 369 16.26 2.27 3.85
N ALA B 370 17.30 3.04 3.50
CA ALA B 370 18.68 2.68 3.88
C ALA B 370 19.00 3.03 5.34
N GLU B 371 18.18 3.89 5.99
CA GLU B 371 18.48 4.25 7.38
C GLU B 371 18.38 3.05 8.29
N PRO B 372 19.29 2.92 9.29
CA PRO B 372 19.17 1.80 10.22
C PRO B 372 17.84 1.85 10.97
N LEU B 373 17.26 0.69 11.25
CA LEU B 373 15.97 0.61 11.91
C LEU B 373 16.03 1.03 13.39
N LEU B 374 15.05 1.83 13.81
CA LEU B 374 14.97 2.22 15.22
C LEU B 374 14.57 1.01 16.06
N PRO B 375 15.00 0.94 17.34
CA PRO B 375 14.59 -0.21 18.16
C PRO B 375 13.08 -0.39 18.27
N GLY B 376 12.63 -1.62 18.09
CA GLY B 376 11.22 -1.97 18.11
C GLY B 376 10.44 -1.57 16.85
N ALA B 377 11.11 -0.93 15.88
CA ALA B 377 10.46 -0.41 14.67
C ALA B 377 10.96 -1.09 13.42
N ARG B 378 10.27 -0.87 12.28
CA ARG B 378 10.75 -1.31 10.96
C ARG B 378 11.02 -0.11 10.04
N VAL B 379 11.39 1.02 10.67
CA VAL B 379 11.71 2.25 9.98
C VAL B 379 12.90 2.90 10.69
N GLY B 380 13.66 3.70 9.95
CA GLY B 380 14.64 4.58 10.58
C GLY B 380 13.93 5.89 10.97
N PRO B 381 14.68 6.90 11.46
CA PRO B 381 14.02 8.14 11.93
C PRO B 381 13.31 8.96 10.86
N LEU B 382 13.81 8.97 9.63
CA LEU B 382 13.18 9.77 8.58
C LEU B 382 11.78 9.21 8.23
N LEU B 383 11.69 7.91 7.94
CA LEU B 383 10.38 7.30 7.66
C LEU B 383 9.48 7.40 8.90
N ALA B 384 10.00 7.21 10.15
CA ALA B 384 9.15 7.34 11.34
C ALA B 384 8.50 8.73 11.37
N CYS B 385 9.29 9.78 11.11
CA CYS B 385 8.78 11.16 11.10
C CYS B 385 7.67 11.34 10.03
N LEU B 386 7.95 10.90 8.81
CA LEU B 386 7.00 11.10 7.72
C LEU B 386 5.70 10.35 7.97
N PHE B 387 5.80 9.11 8.46
CA PHE B 387 4.61 8.30 8.72
C PHE B 387 3.81 8.85 9.88
N GLU B 388 4.52 9.28 10.94
CA GLU B 388 3.80 9.89 12.08
C GLU B 388 3.04 11.14 11.59
N ASN B 389 3.66 11.92 10.72
CA ASN B 389 3.02 13.14 10.21
C ASN B 389 1.76 12.78 9.42
N GLN B 390 1.85 11.77 8.52
CA GLN B 390 0.67 11.41 7.74
C GLN B 390 -0.45 10.76 8.56
N PHE B 391 -0.13 9.81 9.42
CA PHE B 391 -1.17 9.11 10.19
C PHE B 391 -1.80 10.00 11.27
N ARG B 392 -1.05 10.97 11.79
CA ARG B 392 -1.62 11.92 12.75
C ARG B 392 -2.67 12.78 12.01
N ARG B 393 -2.33 13.24 10.80
N ARG B 393 -2.36 13.22 10.80
CA ARG B 393 -3.25 14.05 9.97
CA ARG B 393 -3.29 14.05 10.02
C ARG B 393 -4.51 13.26 9.59
C ARG B 393 -4.53 13.26 9.61
N ALA B 394 -4.35 12.00 9.17
CA ALA B 394 -5.47 11.16 8.74
C ALA B 394 -6.44 10.93 9.89
N ARG B 395 -5.95 10.93 11.14
CA ARG B 395 -6.81 10.73 12.30
C ARG B 395 -7.42 12.06 12.76
N ASP B 396 -6.58 13.06 13.05
CA ASP B 396 -7.04 14.33 13.64
C ASP B 396 -7.84 15.21 12.70
N GLY B 397 -7.64 15.04 11.39
CA GLY B 397 -8.37 15.79 10.39
C GLY B 397 -9.53 15.03 9.77
N ASP B 398 -10.02 13.99 10.43
CA ASP B 398 -11.10 13.17 9.88
C ASP B 398 -12.36 13.38 10.71
N ARG B 399 -13.37 14.00 10.12
CA ARG B 399 -14.63 14.26 10.83
C ARG B 399 -15.41 12.99 11.17
N PHE B 400 -15.05 11.84 10.55
CA PHE B 400 -15.71 10.56 10.85
C PHE B 400 -14.77 9.57 11.54
N TRP B 401 -13.73 10.07 12.25
CA TRP B 401 -12.83 9.20 13.02
C TRP B 401 -13.67 8.39 14.02
N TRP B 402 -13.42 7.09 14.11
CA TRP B 402 -14.32 6.21 14.87
C TRP B 402 -14.51 6.60 16.34
N GLN B 403 -13.52 7.25 16.95
CA GLN B 403 -13.62 7.65 18.36
C GLN B 403 -14.26 9.03 18.54
N LYS B 404 -14.52 9.80 17.45
CA LYS B 404 -15.08 11.13 17.58
C LYS B 404 -16.51 11.03 18.16
N ARG B 405 -16.84 11.86 19.16
CA ARG B 405 -18.19 11.79 19.77
C ARG B 405 -19.26 12.03 18.71
N GLY B 406 -20.31 11.20 18.74
CA GLY B 406 -21.40 11.31 17.78
C GLY B 406 -21.28 10.44 16.55
N VAL B 407 -20.06 9.93 16.22
CA VAL B 407 -19.91 9.07 15.02
C VAL B 407 -20.55 7.71 15.35
N PHE B 408 -20.12 7.11 16.44
CA PHE B 408 -20.71 5.88 16.96
C PHE B 408 -21.23 6.19 18.35
N THR B 409 -22.10 5.33 18.87
CA THR B 409 -22.56 5.48 20.25
C THR B 409 -21.45 4.92 21.18
N LYS B 410 -21.56 5.14 22.49
CA LYS B 410 -20.62 4.60 23.44
C LYS B 410 -20.62 3.06 23.40
N ARG B 411 -21.83 2.43 23.36
CA ARG B 411 -21.92 0.98 23.26
C ARG B 411 -21.27 0.46 21.96
N GLN B 412 -21.46 1.19 20.85
CA GLN B 412 -20.90 0.77 19.58
C GLN B 412 -19.38 0.85 19.61
N ARG B 413 -18.81 1.92 20.21
CA ARG B 413 -17.34 2.01 20.34
C ARG B 413 -16.79 0.85 21.18
N LYS B 414 -17.51 0.48 22.25
CA LYS B 414 -17.07 -0.61 23.11
C LYS B 414 -17.05 -1.94 22.31
N ALA B 415 -18.09 -2.18 21.50
CA ALA B 415 -18.18 -3.38 20.68
C ALA B 415 -17.06 -3.38 19.62
N LEU B 416 -16.84 -2.24 18.97
CA LEU B 416 -15.79 -2.12 17.96
C LEU B 416 -14.41 -2.37 18.54
N SER B 417 -14.16 -1.95 19.80
CA SER B 417 -12.82 -2.13 20.38
C SER B 417 -12.39 -3.61 20.46
N ARG B 418 -13.33 -4.57 20.37
CA ARG B 418 -12.99 -5.99 20.44
C ARG B 418 -12.60 -6.58 19.10
N ILE B 419 -12.73 -5.83 17.99
CA ILE B 419 -12.46 -6.40 16.66
C ILE B 419 -10.98 -6.70 16.47
N SER B 420 -10.70 -7.59 15.52
CA SER B 420 -9.31 -7.88 15.15
C SER B 420 -9.34 -8.48 13.74
N LEU B 421 -8.22 -8.40 13.02
CA LEU B 421 -8.12 -8.99 11.69
C LEU B 421 -8.28 -10.53 11.81
N SER B 422 -7.80 -11.13 12.93
CA SER B 422 -7.95 -12.57 13.15
C SER B 422 -9.44 -12.95 13.17
N ARG B 423 -10.28 -12.16 13.87
CA ARG B 423 -11.71 -12.42 13.91
C ARG B 423 -12.34 -12.30 12.53
N ILE B 424 -11.90 -11.32 11.71
CA ILE B 424 -12.42 -11.18 10.33
C ILE B 424 -12.11 -12.45 9.52
N ILE B 425 -10.91 -13.02 9.70
CA ILE B 425 -10.54 -14.27 9.02
C ILE B 425 -11.45 -15.41 9.51
N CYS B 426 -11.60 -15.57 10.83
CA CYS B 426 -12.48 -16.60 11.42
C CYS B 426 -13.90 -16.51 10.87
N ASP B 427 -14.44 -15.28 10.77
CA ASP B 427 -15.82 -15.09 10.36
C ASP B 427 -16.13 -15.28 8.88
N ASN B 428 -15.10 -15.23 7.99
CA ASN B 428 -15.34 -15.24 6.56
C ASN B 428 -14.56 -16.26 5.77
N THR B 429 -13.95 -17.25 6.42
CA THR B 429 -13.15 -18.26 5.71
C THR B 429 -13.45 -19.64 6.32
N GLY B 430 -12.85 -20.69 5.76
CA GLY B 430 -12.91 -22.03 6.33
C GLY B 430 -11.77 -22.27 7.32
N ILE B 431 -11.03 -21.21 7.75
CA ILE B 431 -9.90 -21.36 8.68
C ILE B 431 -10.42 -21.27 10.13
N THR B 432 -10.22 -22.33 10.95
CA THR B 432 -10.69 -22.35 12.34
C THR B 432 -9.59 -22.18 13.38
N THR B 433 -8.31 -22.10 12.96
CA THR B 433 -7.18 -21.87 13.84
C THR B 433 -6.39 -20.70 13.25
N VAL B 434 -6.23 -19.63 14.00
CA VAL B 434 -5.57 -18.40 13.53
C VAL B 434 -4.58 -17.90 14.58
N SER B 435 -3.63 -17.05 14.19
CA SER B 435 -2.72 -16.41 15.14
C SER B 435 -3.53 -15.29 15.83
N ARG B 436 -3.34 -15.13 17.15
CA ARG B 436 -4.02 -14.06 17.88
C ARG B 436 -3.35 -12.71 17.57
N ASP B 437 -2.03 -12.60 17.76
CA ASP B 437 -1.24 -11.39 17.52
C ASP B 437 -0.74 -11.54 16.10
N ILE B 438 -1.64 -11.25 15.18
CA ILE B 438 -1.50 -11.62 13.77
C ILE B 438 -0.33 -10.97 13.05
N PHE B 439 0.09 -9.76 13.46
CA PHE B 439 1.19 -9.10 12.78
C PHE B 439 2.55 -9.52 13.28
N ARG B 440 2.64 -10.21 14.42
CA ARG B 440 3.92 -10.74 14.90
C ARG B 440 4.20 -12.00 14.11
N ALA B 441 5.49 -12.40 14.03
CA ALA B 441 5.82 -13.66 13.37
C ALA B 441 5.45 -14.72 14.38
N ASN B 442 4.62 -15.67 13.96
CA ASN B 442 4.16 -16.76 14.80
C ASN B 442 4.54 -18.02 14.06
N ILE B 443 5.36 -18.87 14.68
CA ILE B 443 5.80 -20.10 14.05
C ILE B 443 4.82 -21.15 14.51
N TYR B 444 3.92 -21.57 13.61
CA TYR B 444 2.86 -22.52 13.93
C TYR B 444 3.39 -23.77 14.66
N PRO B 445 2.77 -24.26 15.76
CA PRO B 445 1.52 -23.84 16.40
C PRO B 445 1.66 -22.73 17.44
N ARG B 446 2.86 -22.17 17.65
CA ARG B 446 3.08 -21.12 18.65
C ARG B 446 2.35 -19.83 18.26
N GLY B 447 1.53 -19.31 19.17
CA GLY B 447 0.75 -18.10 18.96
C GLY B 447 -0.54 -18.30 18.20
N PHE B 448 -0.88 -19.56 17.84
CA PHE B 448 -2.12 -19.91 17.12
C PHE B 448 -3.12 -20.48 18.09
N VAL B 449 -4.39 -20.09 17.94
CA VAL B 449 -5.47 -20.56 18.81
C VAL B 449 -6.70 -20.87 17.95
N ASN B 450 -7.64 -21.65 18.52
CA ASN B 450 -8.91 -21.88 17.84
C ASN B 450 -9.69 -20.55 17.79
N CYS B 451 -10.50 -20.35 16.75
CA CYS B 451 -11.29 -19.15 16.59
C CYS B 451 -12.20 -18.86 17.77
N SER B 452 -12.67 -19.91 18.48
CA SER B 452 -13.51 -19.71 19.66
C SER B 452 -12.81 -18.87 20.76
N ARG B 453 -11.47 -18.78 20.72
CA ARG B 453 -10.68 -18.02 21.69
C ARG B 453 -10.50 -16.55 21.29
N ILE B 454 -10.88 -16.16 20.06
CA ILE B 454 -10.70 -14.81 19.54
C ILE B 454 -11.97 -13.99 19.81
N PRO B 455 -11.92 -12.77 20.41
CA PRO B 455 -13.17 -12.01 20.63
C PRO B 455 -13.96 -11.74 19.34
N ARG B 456 -15.28 -11.65 19.47
CA ARG B 456 -16.19 -11.43 18.35
C ARG B 456 -16.68 -10.00 18.33
N LEU B 457 -17.22 -9.55 17.18
CA LEU B 457 -17.88 -8.25 17.12
C LEU B 457 -19.35 -8.49 17.46
N ASN B 458 -19.79 -7.99 18.60
CA ASN B 458 -21.18 -8.08 19.03
C ASN B 458 -21.94 -6.92 18.37
N LEU B 459 -22.87 -7.20 17.43
CA LEU B 459 -23.62 -6.14 16.77
C LEU B 459 -24.94 -5.72 17.51
N SER B 460 -25.18 -6.18 18.75
CA SER B 460 -26.40 -5.80 19.47
C SER B 460 -26.60 -4.28 19.56
N ALA B 461 -25.50 -3.51 19.73
CA ALA B 461 -25.56 -2.06 19.82
C ALA B 461 -26.03 -1.36 18.54
N TRP B 462 -26.24 -2.11 17.43
CA TRP B 462 -26.78 -1.56 16.19
C TRP B 462 -28.27 -1.91 16.01
N ARG B 463 -28.90 -2.63 16.99
CA ARG B 463 -30.32 -2.92 16.88
C ARG B 463 -31.09 -1.64 17.17
N GLY B 464 -32.03 -1.28 16.28
CA GLY B 464 -32.91 -0.13 16.45
C GLY B 464 -32.26 1.24 16.42
N THR B 465 -31.06 1.36 15.82
CA THR B 465 -30.35 2.63 15.76
C THR B 465 -30.57 3.34 14.42
#